data_4PWA
#
_entry.id   4PWA
#
_cell.length_a   70.949
_cell.length_b   129.327
_cell.length_c   197.059
_cell.angle_alpha   90.00
_cell.angle_beta   90.00
_cell.angle_gamma   90.00
#
_symmetry.space_group_name_H-M   'F 2 2 2'
#
loop_
_entity.id
_entity.type
_entity.pdbx_description
1 polymer 'Putative cytochrome C'
2 non-polymer 'HEME C'
3 water water
#
_entity_poly.entity_id   1
_entity_poly.type   'polypeptide(L)'
_entity_poly.pdbx_seq_one_letter_code
;MEEDKLALGREIFLERSEPQCALCHTLADAEAVGEVGPNLDELKPDAERVNTAVTNGIGPMPANEILTDEEIEAVALYVS
TVAGKAKNSSSVDKLAAALEHHHHHH
;
_entity_poly.pdbx_strand_id   A,B,C,D
#
# COMPACT_ATOMS: atom_id res chain seq x y z
N GLU A 3 -28.92 -3.67 9.65
CA GLU A 3 -28.33 -3.11 10.91
C GLU A 3 -26.81 -3.32 10.96
N ASP A 4 -26.38 -4.53 11.33
CA ASP A 4 -24.98 -4.88 11.50
C ASP A 4 -24.34 -5.25 10.16
N LYS A 5 -25.14 -5.87 9.28
CA LYS A 5 -24.71 -6.19 7.91
C LYS A 5 -24.55 -4.92 7.07
N LEU A 6 -25.22 -3.84 7.49
CA LEU A 6 -25.09 -2.52 6.86
C LEU A 6 -23.82 -1.79 7.29
N ALA A 7 -23.55 -1.78 8.60
CA ALA A 7 -22.31 -1.22 9.13
C ALA A 7 -21.10 -1.85 8.43
N LEU A 8 -21.20 -3.16 8.16
CA LEU A 8 -20.13 -3.91 7.50
C LEU A 8 -19.89 -3.43 6.07
N GLY A 9 -20.94 -3.41 5.26
CA GLY A 9 -20.86 -2.90 3.89
C GLY A 9 -20.33 -1.48 3.83
N ARG A 10 -20.85 -0.63 4.72
CA ARG A 10 -20.39 0.74 4.86
CA ARG A 10 -20.38 0.75 4.82
C ARG A 10 -18.87 0.78 5.09
N GLU A 11 -18.38 -0.03 6.00
CA GLU A 11 -16.94 -0.04 6.31
C GLU A 11 -16.12 -0.56 5.12
N ILE A 12 -16.67 -1.50 4.36
CA ILE A 12 -15.97 -2.02 3.19
C ILE A 12 -15.90 -0.91 2.15
N PHE A 13 -17.03 -0.23 1.98
CA PHE A 13 -17.17 0.84 1.00
C PHE A 13 -16.25 2.02 1.29
N LEU A 14 -16.06 2.31 2.57
CA LEU A 14 -15.23 3.44 3.00
C LEU A 14 -13.76 3.14 3.34
N GLU A 15 -13.47 1.96 3.89
CA GLU A 15 -12.16 1.69 4.49
CA GLU A 15 -12.16 1.69 4.50
C GLU A 15 -11.46 0.46 3.92
N ARG A 16 -12.14 -0.68 3.90
CA ARG A 16 -11.45 -1.95 3.54
C ARG A 16 -11.10 -2.13 2.06
N SER A 17 -11.94 -1.63 1.16
CA SER A 17 -11.72 -1.77 -0.27
C SER A 17 -10.44 -1.08 -0.71
N GLU A 18 -9.78 -1.66 -1.71
CA GLU A 18 -8.53 -1.10 -2.23
C GLU A 18 -8.60 -1.06 -3.77
N PRO A 19 -8.61 0.15 -4.36
CA PRO A 19 -8.76 1.45 -3.70
C PRO A 19 -10.16 1.53 -3.11
N GLN A 20 -10.40 2.48 -2.22
CA GLN A 20 -11.73 2.56 -1.56
C GLN A 20 -12.84 2.98 -2.55
N CYS A 21 -14.00 2.33 -2.46
CA CYS A 21 -15.13 2.65 -3.33
C CYS A 21 -15.48 4.12 -3.22
N ALA A 22 -15.45 4.64 -1.99
CA ALA A 22 -15.79 6.04 -1.69
C ALA A 22 -14.91 7.05 -2.41
N LEU A 23 -13.69 6.68 -2.73
CA LEU A 23 -12.78 7.58 -3.45
C LEU A 23 -13.17 7.75 -4.92
N CYS A 24 -13.79 6.71 -5.50
CA CYS A 24 -14.18 6.76 -6.91
C CYS A 24 -15.68 7.06 -7.09
N HIS A 25 -16.50 6.72 -6.10
CA HIS A 25 -17.96 6.78 -6.26
C HIS A 25 -18.65 7.70 -5.27
N THR A 26 -19.76 8.29 -5.72
CA THR A 26 -20.63 9.06 -4.84
C THR A 26 -21.72 8.14 -4.27
N LEU A 27 -21.92 8.21 -2.95
CA LEU A 27 -22.94 7.48 -2.26
C LEU A 27 -23.26 8.20 -0.95
N ALA A 28 -24.42 8.83 -0.89
CA ALA A 28 -24.80 9.69 0.22
C ALA A 28 -24.74 9.00 1.59
N ASP A 29 -25.21 7.78 1.69
CA ASP A 29 -25.27 7.10 2.99
C ASP A 29 -23.88 7.06 3.63
N ALA A 30 -22.87 6.86 2.80
CA ALA A 30 -21.49 6.83 3.24
C ALA A 30 -20.83 8.21 3.27
N GLU A 31 -21.56 9.27 2.91
CA GLU A 31 -20.98 10.62 2.78
C GLU A 31 -19.79 10.58 1.81
N ALA A 32 -19.96 9.84 0.73
CA ALA A 32 -18.92 9.63 -0.26
C ALA A 32 -19.26 10.45 -1.51
N VAL A 33 -18.26 11.16 -2.04
CA VAL A 33 -18.44 12.08 -3.17
C VAL A 33 -17.32 11.91 -4.20
N GLY A 34 -16.87 10.68 -4.37
CA GLY A 34 -15.91 10.34 -5.42
C GLY A 34 -16.54 10.61 -6.78
N GLU A 35 -15.70 11.04 -7.72
CA GLU A 35 -16.15 11.54 -9.02
C GLU A 35 -15.62 10.74 -10.21
N VAL A 36 -14.84 9.67 -9.95
CA VAL A 36 -14.16 8.91 -11.00
C VAL A 36 -15.12 8.02 -11.79
N GLY A 37 -16.01 7.35 -11.08
CA GLY A 37 -17.07 6.56 -11.71
C GLY A 37 -18.48 7.09 -11.41
N PRO A 38 -19.51 6.34 -11.81
CA PRO A 38 -20.86 6.88 -11.72
C PRO A 38 -21.38 7.08 -10.29
N ASN A 39 -22.25 8.06 -10.14
CA ASN A 39 -22.91 8.31 -8.88
C ASN A 39 -23.81 7.13 -8.61
N LEU A 40 -23.53 6.40 -7.53
CA LEU A 40 -24.32 5.20 -7.22
C LEU A 40 -25.71 5.55 -6.70
N ASP A 41 -25.90 6.76 -6.20
CA ASP A 41 -27.23 7.24 -5.84
C ASP A 41 -28.08 7.48 -7.08
N GLU A 42 -27.42 7.68 -8.21
CA GLU A 42 -28.09 7.84 -9.50
C GLU A 42 -28.32 6.49 -10.17
N LEU A 43 -27.30 5.65 -10.16
CA LEU A 43 -27.39 4.34 -10.79
C LEU A 43 -28.43 3.46 -10.09
N LYS A 44 -28.39 3.45 -8.76
CA LYS A 44 -29.28 2.61 -7.93
C LYS A 44 -29.28 1.17 -8.41
N PRO A 45 -28.10 0.53 -8.44
CA PRO A 45 -27.96 -0.84 -8.92
C PRO A 45 -28.48 -1.88 -7.94
N ASP A 46 -28.93 -3.02 -8.44
CA ASP A 46 -29.26 -4.17 -7.58
C ASP A 46 -27.98 -4.91 -7.13
N ALA A 47 -28.15 -5.76 -6.12
CA ALA A 47 -27.06 -6.50 -5.49
C ALA A 47 -26.21 -7.26 -6.50
N GLU A 48 -26.87 -7.92 -7.45
CA GLU A 48 -26.15 -8.68 -8.47
C GLU A 48 -25.23 -7.79 -9.30
N ARG A 49 -25.72 -6.61 -9.68
CA ARG A 49 -24.97 -5.71 -10.55
C ARG A 49 -23.70 -5.22 -9.86
N VAL A 50 -23.81 -4.91 -8.56
CA VAL A 50 -22.66 -4.49 -7.77
C VAL A 50 -21.66 -5.63 -7.64
N ASN A 51 -22.15 -6.81 -7.24
CA ASN A 51 -21.32 -7.96 -6.99
C ASN A 51 -20.53 -8.30 -8.26
N THR A 52 -21.20 -8.33 -9.40
CA THR A 52 -20.53 -8.60 -10.66
C THR A 52 -19.45 -7.57 -10.97
N ALA A 53 -19.73 -6.30 -10.67
CA ALA A 53 -18.80 -5.21 -11.01
C ALA A 53 -17.55 -5.29 -10.16
N VAL A 54 -17.75 -5.46 -8.86
CA VAL A 54 -16.63 -5.59 -7.92
C VAL A 54 -15.80 -6.82 -8.22
N THR A 55 -16.46 -7.95 -8.51
CA THR A 55 -15.79 -9.22 -8.72
C THR A 55 -14.95 -9.22 -10.00
N ASN A 56 -15.52 -8.75 -11.10
CA ASN A 56 -14.89 -8.88 -12.41
C ASN A 56 -14.19 -7.61 -12.88
N GLY A 57 -14.56 -6.48 -12.28
CA GLY A 57 -14.21 -5.20 -12.84
C GLY A 57 -15.08 -4.94 -14.05
N ILE A 58 -14.97 -3.73 -14.57
CA ILE A 58 -15.77 -3.30 -15.72
C ILE A 58 -15.15 -2.01 -16.21
N GLY A 59 -14.83 -1.95 -17.50
CA GLY A 59 -14.19 -0.77 -18.06
C GLY A 59 -12.91 -0.46 -17.31
N PRO A 60 -12.68 0.81 -16.99
CA PRO A 60 -11.47 1.15 -16.24
C PRO A 60 -11.53 0.85 -14.73
N MET A 61 -12.68 0.38 -14.22
CA MET A 61 -12.77 -0.07 -12.84
C MET A 61 -12.05 -1.38 -12.63
N PRO A 62 -11.11 -1.43 -11.68
CA PRO A 62 -10.39 -2.67 -11.46
C PRO A 62 -11.25 -3.73 -10.78
N ALA A 63 -10.89 -4.99 -11.02
CA ALA A 63 -11.49 -6.13 -10.33
C ALA A 63 -10.90 -6.23 -8.92
N ASN A 64 -11.70 -6.77 -8.00
CA ASN A 64 -11.25 -6.98 -6.64
C ASN A 64 -10.08 -7.95 -6.57
N GLU A 65 -9.20 -7.72 -5.58
CA GLU A 65 -8.17 -8.70 -5.22
C GLU A 65 -8.18 -9.07 -3.74
N ILE A 66 -8.52 -8.14 -2.86
CA ILE A 66 -8.30 -8.40 -1.42
C ILE A 66 -9.55 -8.82 -0.64
N LEU A 67 -10.73 -8.39 -1.11
CA LEU A 67 -11.97 -8.69 -0.40
C LEU A 67 -12.33 -10.16 -0.54
N THR A 68 -12.77 -10.77 0.55
CA THR A 68 -13.30 -12.13 0.52
C THR A 68 -14.65 -12.10 -0.16
N ASP A 69 -15.15 -13.27 -0.51
CA ASP A 69 -16.42 -13.36 -1.21
C ASP A 69 -17.58 -12.81 -0.35
N GLU A 70 -17.58 -13.10 0.94
CA GLU A 70 -18.62 -12.61 1.84
C GLU A 70 -18.59 -11.08 2.01
N GLU A 71 -17.39 -10.50 1.94
CA GLU A 71 -17.26 -9.05 1.98
C GLU A 71 -17.82 -8.42 0.71
N ILE A 72 -17.58 -9.06 -0.43
CA ILE A 72 -18.13 -8.59 -1.68
C ILE A 72 -19.68 -8.63 -1.63
N GLU A 73 -20.23 -9.69 -1.05
CA GLU A 73 -21.68 -9.79 -0.90
C GLU A 73 -22.21 -8.69 -0.01
N ALA A 74 -21.45 -8.36 1.04
CA ALA A 74 -21.91 -7.41 2.05
C ALA A 74 -21.94 -5.98 1.49
N VAL A 75 -20.89 -5.60 0.77
CA VAL A 75 -20.88 -4.32 0.08
C VAL A 75 -21.91 -4.27 -1.07
N ALA A 76 -22.22 -5.40 -1.70
CA ALA A 76 -23.27 -5.45 -2.73
C ALA A 76 -24.64 -5.23 -2.11
N LEU A 77 -24.94 -5.97 -1.04
CA LEU A 77 -26.17 -5.77 -0.27
C LEU A 77 -26.32 -4.32 0.21
N TYR A 78 -25.24 -3.75 0.74
CA TYR A 78 -25.25 -2.40 1.31
C TYR A 78 -25.61 -1.37 0.25
N VAL A 79 -24.79 -1.31 -0.80
CA VAL A 79 -25.00 -0.37 -1.86
C VAL A 79 -26.42 -0.44 -2.42
N SER A 80 -26.90 -1.65 -2.69
CA SER A 80 -28.19 -1.83 -3.32
C SER A 80 -29.34 -1.43 -2.40
N THR A 81 -29.11 -1.45 -1.10
CA THR A 81 -30.14 -1.06 -0.12
C THR A 81 -30.17 0.43 0.12
N VAL A 82 -29.00 1.07 0.22
CA VAL A 82 -28.93 2.46 0.64
C VAL A 82 -28.87 3.47 -0.49
N ALA A 83 -28.60 3.05 -1.72
CA ALA A 83 -28.45 4.00 -2.83
C ALA A 83 -29.67 4.92 -2.96
N GLY A 84 -29.42 6.22 -3.05
CA GLY A 84 -30.49 7.23 -3.13
C GLY A 84 -30.91 7.85 -1.79
N LYS A 85 -30.43 7.28 -0.69
CA LYS A 85 -30.86 7.67 0.64
C LYS A 85 -29.67 8.06 1.55
N ALA A 86 -29.97 8.83 2.58
CA ALA A 86 -28.99 9.26 3.58
C ALA A 86 -29.01 8.32 4.79
N LYS A 87 -28.02 8.43 5.66
CA LYS A 87 -27.91 7.59 6.86
C LYS A 87 -29.20 7.58 7.68
N ASN A 88 -29.63 6.38 8.10
CA ASN A 88 -30.94 6.15 8.73
C ASN A 88 -32.04 7.11 8.26
N GLU B 3 -15.45 -18.98 10.59
CA GLU B 3 -15.06 -19.60 9.28
C GLU B 3 -14.78 -18.53 8.21
N ASP B 4 -15.78 -17.69 7.94
CA ASP B 4 -15.59 -16.51 7.08
C ASP B 4 -14.71 -15.48 7.78
N LYS B 5 -14.86 -15.38 9.11
CA LYS B 5 -14.02 -14.50 9.91
C LYS B 5 -12.57 -15.03 9.98
N LEU B 6 -12.39 -16.36 9.88
CA LEU B 6 -11.06 -16.98 9.85
C LEU B 6 -10.39 -16.78 8.49
N ALA B 7 -11.14 -16.92 7.40
CA ALA B 7 -10.62 -16.65 6.06
C ALA B 7 -10.24 -15.18 5.87
N LEU B 8 -11.00 -14.28 6.52
CA LEU B 8 -10.64 -12.87 6.54
C LEU B 8 -9.30 -12.66 7.25
N GLY B 9 -9.17 -13.21 8.46
CA GLY B 9 -7.95 -13.07 9.25
C GLY B 9 -6.72 -13.56 8.49
N ARG B 10 -6.89 -14.67 7.77
CA ARG B 10 -5.82 -15.27 6.97
C ARG B 10 -5.40 -14.35 5.84
N GLU B 11 -6.37 -13.79 5.12
CA GLU B 11 -6.06 -12.88 4.04
C GLU B 11 -5.42 -11.58 4.54
N ILE B 12 -5.86 -11.12 5.71
CA ILE B 12 -5.21 -9.99 6.39
C ILE B 12 -3.76 -10.30 6.75
N PHE B 13 -3.54 -11.47 7.34
CA PHE B 13 -2.19 -11.91 7.74
C PHE B 13 -1.23 -12.00 6.55
N LEU B 14 -1.76 -12.48 5.43
CA LEU B 14 -0.95 -12.77 4.24
C LEU B 14 -0.87 -11.59 3.27
N GLU B 15 -1.85 -10.69 3.28
CA GLU B 15 -2.00 -9.72 2.17
C GLU B 15 -2.39 -8.27 2.54
N ARG B 16 -3.42 -8.12 3.35
CA ARG B 16 -4.06 -6.82 3.60
C ARG B 16 -3.30 -5.95 4.61
N SER B 17 -2.64 -6.58 5.56
CA SER B 17 -1.84 -5.88 6.55
C SER B 17 -0.69 -5.13 5.89
N GLU B 18 -0.29 -4.03 6.52
CA GLU B 18 0.77 -3.18 6.01
C GLU B 18 1.72 -2.79 7.15
N PRO B 19 2.97 -3.29 7.11
CA PRO B 19 3.44 -4.34 6.21
C PRO B 19 2.74 -5.65 6.54
N GLN B 20 2.89 -6.63 5.66
CA GLN B 20 2.21 -7.89 5.84
C GLN B 20 2.80 -8.66 7.02
N CYS B 21 1.94 -9.17 7.91
CA CYS B 21 2.38 -9.99 9.04
C CYS B 21 3.34 -11.11 8.57
N ALA B 22 2.97 -11.74 7.46
CA ALA B 22 3.73 -12.83 6.88
C ALA B 22 5.17 -12.46 6.47
N LEU B 23 5.44 -11.18 6.22
CA LEU B 23 6.82 -10.80 5.86
C LEU B 23 7.77 -10.96 7.06
N CYS B 24 7.23 -10.74 8.25
CA CYS B 24 8.01 -10.66 9.47
C CYS B 24 7.87 -11.89 10.38
N HIS B 25 6.70 -12.55 10.35
CA HIS B 25 6.40 -13.69 11.23
C HIS B 25 6.25 -15.06 10.53
N THR B 26 6.58 -16.10 11.28
CA THR B 26 6.30 -17.48 10.88
C THR B 26 4.95 -17.93 11.47
N LEU B 27 4.13 -18.58 10.66
CA LEU B 27 2.86 -19.18 11.09
C LEU B 27 2.51 -20.28 10.10
N ALA B 28 2.59 -21.53 10.54
CA ALA B 28 2.45 -22.69 9.65
C ALA B 28 1.14 -22.72 8.86
N ASP B 29 0.04 -22.31 9.48
CA ASP B 29 -1.25 -22.41 8.81
C ASP B 29 -1.29 -21.57 7.55
N ALA B 30 -0.62 -20.43 7.60
CA ALA B 30 -0.60 -19.50 6.48
C ALA B 30 0.53 -19.81 5.51
N GLU B 31 1.34 -20.82 5.82
CA GLU B 31 2.57 -21.09 5.06
C GLU B 31 3.46 -19.85 5.07
N ALA B 32 3.46 -19.16 6.20
CA ALA B 32 4.23 -17.95 6.40
C ALA B 32 5.53 -18.30 7.14
N VAL B 33 6.67 -17.78 6.66
CA VAL B 33 7.99 -18.06 7.24
C VAL B 33 8.83 -16.79 7.46
N GLY B 34 8.22 -15.71 7.90
CA GLY B 34 8.96 -14.51 8.27
C GLY B 34 9.90 -14.73 9.45
N GLU B 35 11.09 -14.11 9.40
CA GLU B 35 12.12 -14.24 10.44
C GLU B 35 12.35 -13.00 11.30
N VAL B 36 11.89 -11.82 10.87
CA VAL B 36 12.14 -10.56 11.58
C VAL B 36 11.60 -10.59 13.01
N GLY B 37 10.38 -11.09 13.18
CA GLY B 37 9.75 -11.20 14.49
C GLY B 37 9.69 -12.63 14.97
N PRO B 38 9.04 -12.84 16.12
CA PRO B 38 9.04 -14.17 16.70
C PRO B 38 8.13 -15.13 15.95
N ASN B 39 8.48 -16.41 16.01
CA ASN B 39 7.66 -17.49 15.49
C ASN B 39 6.37 -17.55 16.30
N LEU B 40 5.23 -17.35 15.63
CA LEU B 40 3.95 -17.30 16.31
C LEU B 40 3.43 -18.68 16.71
N ASP B 41 3.92 -19.74 16.04
CA ASP B 41 3.60 -21.12 16.43
C ASP B 41 4.33 -21.50 17.73
N GLU B 42 5.46 -20.85 18.01
CA GLU B 42 6.15 -20.99 19.30
C GLU B 42 5.44 -20.16 20.36
N LEU B 43 5.16 -18.90 20.02
CA LEU B 43 4.57 -17.96 20.97
C LEU B 43 3.13 -18.34 21.35
N LYS B 44 2.34 -18.73 20.35
CA LYS B 44 0.95 -19.13 20.58
C LYS B 44 0.17 -18.12 21.43
N PRO B 45 0.10 -16.86 20.96
CA PRO B 45 -0.55 -15.79 21.69
C PRO B 45 -2.07 -15.92 21.65
N ASP B 46 -2.74 -15.51 22.72
CA ASP B 46 -4.20 -15.45 22.67
C ASP B 46 -4.64 -14.20 21.89
N ALA B 47 -5.94 -14.03 21.69
CA ALA B 47 -6.45 -12.98 20.79
C ALA B 47 -6.08 -11.58 21.30
N GLU B 48 -6.27 -11.34 22.60
CA GLU B 48 -5.94 -10.06 23.21
C GLU B 48 -4.47 -9.71 23.00
N ARG B 49 -3.59 -10.70 23.09
CA ARG B 49 -2.17 -10.44 22.94
C ARG B 49 -1.87 -10.01 21.51
N VAL B 50 -2.53 -10.65 20.54
CA VAL B 50 -2.33 -10.27 19.13
C VAL B 50 -2.95 -8.88 18.90
N ASN B 51 -4.20 -8.71 19.32
CA ASN B 51 -4.88 -7.43 19.15
C ASN B 51 -4.03 -6.27 19.65
N THR B 52 -3.54 -6.39 20.87
CA THR B 52 -2.73 -5.33 21.48
C THR B 52 -1.42 -5.05 20.72
N ALA B 53 -0.77 -6.09 20.21
CA ALA B 53 0.47 -5.91 19.45
C ALA B 53 0.17 -5.15 18.18
N VAL B 54 -0.89 -5.55 17.49
CA VAL B 54 -1.26 -4.96 16.18
C VAL B 54 -1.71 -3.52 16.36
N THR B 55 -2.54 -3.27 17.36
CA THR B 55 -3.07 -1.92 17.56
C THR B 55 -2.01 -0.90 17.96
N ASN B 56 -1.12 -1.29 18.89
CA ASN B 56 -0.17 -0.34 19.49
C ASN B 56 1.25 -0.43 18.95
N GLY B 57 1.57 -1.54 18.28
CA GLY B 57 2.96 -1.87 17.99
C GLY B 57 3.68 -2.24 19.29
N ILE B 58 4.88 -2.77 19.15
CA ILE B 58 5.63 -3.25 20.30
C ILE B 58 7.07 -3.41 19.84
N GLY B 59 7.99 -2.78 20.56
CA GLY B 59 9.39 -2.82 20.16
C GLY B 59 9.50 -2.32 18.74
N PRO B 60 10.26 -3.04 17.90
CA PRO B 60 10.44 -2.62 16.50
C PRO B 60 9.25 -2.92 15.59
N MET B 61 8.24 -3.61 16.12
CA MET B 61 7.03 -3.89 15.36
C MET B 61 6.19 -2.63 15.26
N PRO B 62 5.93 -2.16 14.02
CA PRO B 62 5.21 -0.91 13.87
C PRO B 62 3.74 -1.08 14.25
N ALA B 63 3.12 0.00 14.72
CA ALA B 63 1.70 0.00 14.99
C ALA B 63 0.97 -0.03 13.66
N ASN B 64 -0.26 -0.52 13.70
CA ASN B 64 -1.09 -0.60 12.52
C ASN B 64 -1.64 0.76 12.11
N GLU B 65 -1.68 1.02 10.81
CA GLU B 65 -2.40 2.18 10.28
C GLU B 65 -3.62 1.82 9.42
N ILE B 66 -3.50 0.76 8.62
CA ILE B 66 -4.44 0.50 7.52
C ILE B 66 -5.70 -0.26 7.97
N LEU B 67 -5.55 -1.14 8.94
CA LEU B 67 -6.63 -2.01 9.39
C LEU B 67 -7.60 -1.28 10.31
N THR B 68 -8.89 -1.54 10.12
CA THR B 68 -9.93 -1.09 11.02
C THR B 68 -9.90 -1.95 12.28
N ASP B 69 -10.66 -1.55 13.29
CA ASP B 69 -10.75 -2.27 14.56
C ASP B 69 -11.24 -3.71 14.34
N GLU B 70 -12.29 -3.86 13.53
CA GLU B 70 -12.87 -5.15 13.21
C GLU B 70 -11.91 -6.05 12.41
N GLU B 71 -11.12 -5.47 11.52
CA GLU B 71 -10.09 -6.23 10.83
C GLU B 71 -9.02 -6.75 11.80
N ILE B 72 -8.64 -5.92 12.76
CA ILE B 72 -7.61 -6.31 13.74
C ILE B 72 -8.15 -7.44 14.59
N GLU B 73 -9.44 -7.38 14.93
CA GLU B 73 -10.07 -8.50 15.63
C GLU B 73 -10.01 -9.77 14.79
N ALA B 74 -10.22 -9.64 13.47
CA ALA B 74 -10.25 -10.82 12.61
C ALA B 74 -8.88 -11.53 12.61
N VAL B 75 -7.82 -10.76 12.45
CA VAL B 75 -6.47 -11.32 12.44
C VAL B 75 -6.05 -11.83 13.83
N ALA B 76 -6.55 -11.20 14.88
CA ALA B 76 -6.29 -11.68 16.26
C ALA B 76 -6.96 -13.03 16.48
N LEU B 77 -8.21 -13.15 16.05
CA LEU B 77 -8.93 -14.41 16.10
C LEU B 77 -8.22 -15.51 15.29
N TYR B 78 -7.83 -15.20 14.06
CA TYR B 78 -7.16 -16.17 13.20
C TYR B 78 -5.86 -16.66 13.82
N VAL B 79 -4.99 -15.73 14.22
CA VAL B 79 -3.67 -16.14 14.70
C VAL B 79 -3.79 -16.98 15.97
N SER B 80 -4.58 -16.51 16.93
CA SER B 80 -4.76 -17.23 18.18
C SER B 80 -5.41 -18.59 17.99
N THR B 81 -6.24 -18.72 16.98
CA THR B 81 -6.90 -20.00 16.72
C THR B 81 -5.96 -21.06 16.15
N VAL B 82 -5.09 -20.69 15.21
CA VAL B 82 -4.33 -21.67 14.44
C VAL B 82 -2.83 -21.79 14.77
N ALA B 83 -2.32 -20.87 15.57
CA ALA B 83 -0.90 -20.88 15.97
C ALA B 83 -0.58 -22.23 16.62
N GLY B 84 0.42 -22.91 16.07
CA GLY B 84 0.81 -24.24 16.53
C GLY B 84 0.24 -25.40 15.72
N LYS B 85 -0.31 -25.11 14.53
CA LYS B 85 -0.88 -26.15 13.64
C LYS B 85 -0.86 -25.74 12.15
N ALA B 86 -0.69 -26.72 11.27
CA ALA B 86 -0.81 -26.50 9.82
C ALA B 86 -2.28 -26.52 9.43
N LYS B 87 -2.60 -26.08 8.21
CA LYS B 87 -4.01 -25.99 7.76
C LYS B 87 -4.65 -27.37 7.67
N ASN B 88 -5.98 -27.42 7.78
CA ASN B 88 -6.73 -28.68 7.76
C ASN B 88 -6.95 -29.17 6.32
N MET C 1 7.56 -7.18 -14.43
CA MET C 1 8.34 -6.06 -13.83
C MET C 1 8.77 -6.44 -12.42
N GLU C 2 10.07 -6.29 -12.15
CA GLU C 2 10.60 -6.65 -10.83
C GLU C 2 9.97 -5.74 -9.77
N GLU C 3 9.83 -6.27 -8.56
CA GLU C 3 9.13 -5.60 -7.45
C GLU C 3 9.77 -4.26 -7.06
N ASP C 4 11.09 -4.15 -7.19
CA ASP C 4 11.79 -2.91 -6.85
C ASP C 4 11.54 -1.78 -7.88
N LYS C 5 11.44 -2.13 -9.15
CA LYS C 5 11.13 -1.14 -10.19
C LYS C 5 9.67 -0.66 -10.07
N LEU C 6 8.75 -1.58 -9.78
CA LEU C 6 7.35 -1.22 -9.49
C LEU C 6 7.23 -0.31 -8.27
N ALA C 7 8.02 -0.62 -7.24
CA ALA C 7 8.05 0.18 -6.04
C ALA C 7 8.59 1.55 -6.35
N LEU C 8 9.60 1.60 -7.25
CA LEU C 8 10.18 2.87 -7.69
C LEU C 8 9.13 3.70 -8.43
N GLY C 9 8.49 3.09 -9.43
CA GLY C 9 7.44 3.74 -10.22
C GLY C 9 6.29 4.27 -9.41
N ARG C 10 5.85 3.49 -8.41
CA ARG C 10 4.80 3.93 -7.47
C ARG C 10 5.21 5.17 -6.70
N GLU C 11 6.45 5.18 -6.22
CA GLU C 11 6.96 6.30 -5.41
C GLU C 11 7.05 7.58 -6.21
N ILE C 12 7.39 7.45 -7.49
CA ILE C 12 7.53 8.59 -8.37
C ILE C 12 6.14 9.12 -8.71
N PHE C 13 5.24 8.22 -9.05
CA PHE C 13 3.88 8.57 -9.44
C PHE C 13 3.14 9.19 -8.27
N LEU C 14 3.40 8.72 -7.05
CA LEU C 14 2.65 9.17 -5.86
C LEU C 14 3.28 10.35 -5.09
N GLU C 15 4.61 10.46 -5.08
CA GLU C 15 5.27 11.40 -4.15
C GLU C 15 6.39 12.25 -4.76
N ARG C 16 7.31 11.62 -5.51
CA ARG C 16 8.48 12.35 -6.02
C ARG C 16 8.12 13.38 -7.09
N SER C 17 7.16 13.05 -7.95
CA SER C 17 6.74 13.96 -9.02
C SER C 17 6.17 15.27 -8.47
N GLU C 18 6.32 16.34 -9.24
CA GLU C 18 5.95 17.68 -8.78
C GLU C 18 5.29 18.44 -9.94
N PRO C 19 3.96 18.63 -9.87
CA PRO C 19 3.10 18.04 -8.84
C PRO C 19 3.05 16.51 -8.95
N GLN C 20 2.54 15.88 -7.91
CA GLN C 20 2.33 14.44 -7.92
C GLN C 20 1.32 14.00 -9.01
N CYS C 21 1.71 13.04 -9.85
CA CYS C 21 0.82 12.49 -10.86
C CYS C 21 -0.54 12.12 -10.26
N ALA C 22 -0.54 11.55 -9.07
CA ALA C 22 -1.76 11.11 -8.39
C ALA C 22 -2.68 12.26 -7.98
N LEU C 23 -2.15 13.49 -7.99
CA LEU C 23 -2.97 14.65 -7.67
C LEU C 23 -4.02 14.91 -8.75
N CYS C 24 -3.65 14.58 -9.98
CA CYS C 24 -4.44 14.87 -11.18
C CYS C 24 -4.99 13.61 -11.85
N HIS C 25 -4.31 12.47 -11.71
CA HIS C 25 -4.65 11.25 -12.45
C HIS C 25 -5.15 10.09 -11.59
N THR C 26 -6.02 9.27 -12.19
CA THR C 26 -6.41 7.98 -11.63
C THR C 26 -5.56 6.84 -12.17
N LEU C 27 -5.13 5.96 -11.27
CA LEU C 27 -4.35 4.78 -11.59
C LEU C 27 -4.55 3.81 -10.42
N ALA C 28 -5.42 2.81 -10.63
CA ALA C 28 -5.85 1.86 -9.57
C ALA C 28 -4.70 1.22 -8.80
N ASP C 29 -3.62 0.91 -9.49
CA ASP C 29 -2.49 0.22 -8.88
C ASP C 29 -1.89 1.04 -7.74
N ALA C 30 -1.74 2.34 -7.97
CA ALA C 30 -1.24 3.29 -6.98
C ALA C 30 -2.31 3.82 -5.97
N GLU C 31 -3.54 3.34 -6.10
CA GLU C 31 -4.70 3.93 -5.40
C GLU C 31 -4.81 5.43 -5.65
N ALA C 32 -4.29 5.88 -6.79
CA ALA C 32 -4.42 7.26 -7.24
C ALA C 32 -5.84 7.47 -7.78
N VAL C 33 -6.47 8.58 -7.37
CA VAL C 33 -7.83 8.92 -7.75
C VAL C 33 -7.94 10.39 -8.15
N GLY C 34 -6.90 10.92 -8.78
CA GLY C 34 -6.97 12.25 -9.40
C GLY C 34 -8.07 12.35 -10.45
N GLU C 35 -8.65 13.54 -10.58
CA GLU C 35 -9.79 13.76 -11.46
C GLU C 35 -9.51 14.78 -12.57
N VAL C 36 -8.65 15.75 -12.30
CA VAL C 36 -8.34 16.84 -13.25
C VAL C 36 -7.86 16.32 -14.60
N GLY C 37 -7.01 15.30 -14.58
CA GLY C 37 -6.50 14.68 -15.81
C GLY C 37 -7.19 13.36 -16.16
N PRO C 38 -6.87 12.79 -17.33
CA PRO C 38 -7.54 11.58 -17.73
C PRO C 38 -7.20 10.38 -16.85
N ASN C 39 -8.17 9.49 -16.73
CA ASN C 39 -8.00 8.22 -16.05
C ASN C 39 -7.03 7.34 -16.83
N LEU C 40 -5.90 7.00 -16.22
CA LEU C 40 -4.85 6.28 -16.93
C LEU C 40 -5.17 4.80 -17.15
N ASP C 41 -6.07 4.26 -16.33
CA ASP C 41 -6.62 2.92 -16.53
C ASP C 41 -7.53 2.87 -17.77
N GLU C 42 -8.06 4.02 -18.16
CA GLU C 42 -8.85 4.11 -19.40
C GLU C 42 -7.87 4.31 -20.58
N LEU C 43 -6.94 5.24 -20.41
CA LEU C 43 -6.04 5.59 -21.51
C LEU C 43 -5.14 4.41 -21.91
N LYS C 44 -4.56 3.74 -20.92
CA LYS C 44 -3.62 2.63 -21.14
C LYS C 44 -2.51 3.01 -22.13
N PRO C 45 -1.77 4.08 -21.81
CA PRO C 45 -0.71 4.55 -22.68
C PRO C 45 0.51 3.62 -22.65
N ASP C 46 1.24 3.56 -23.76
CA ASP C 46 2.53 2.85 -23.77
C ASP C 46 3.62 3.72 -23.17
N ALA C 47 4.80 3.15 -22.97
CA ALA C 47 5.85 3.84 -22.25
C ALA C 47 6.25 5.13 -22.96
N GLU C 48 6.41 5.08 -24.28
CA GLU C 48 6.79 6.28 -25.02
C GLU C 48 5.77 7.40 -24.86
N ARG C 49 4.49 7.07 -24.84
CA ARG C 49 3.44 8.07 -24.70
C ARG C 49 3.49 8.74 -23.32
N VAL C 50 3.78 7.97 -22.28
CA VAL C 50 3.94 8.54 -20.96
C VAL C 50 5.21 9.39 -20.91
N ASN C 51 6.30 8.88 -21.43
CA ASN C 51 7.56 9.59 -21.37
C ASN C 51 7.41 10.97 -22.00
N THR C 52 6.73 11.03 -23.15
CA THR C 52 6.59 12.28 -23.90
C THR C 52 5.71 13.31 -23.17
N ALA C 53 4.60 12.87 -22.60
CA ALA C 53 3.72 13.74 -21.83
C ALA C 53 4.48 14.37 -20.65
N VAL C 54 5.10 13.53 -19.82
CA VAL C 54 5.85 14.01 -18.66
C VAL C 54 7.03 14.92 -19.02
N THR C 55 7.80 14.55 -20.04
CA THR C 55 8.98 15.32 -20.40
C THR C 55 8.57 16.69 -20.93
N ASN C 56 7.62 16.72 -21.85
CA ASN C 56 7.27 17.93 -22.58
C ASN C 56 6.06 18.70 -22.02
N GLY C 57 5.26 18.04 -21.20
CA GLY C 57 3.95 18.60 -20.82
C GLY C 57 3.03 18.42 -22.03
N ILE C 58 1.75 18.67 -21.83
CA ILE C 58 0.76 18.50 -22.87
C ILE C 58 -0.53 19.19 -22.44
N GLY C 59 -0.99 20.12 -23.26
CA GLY C 59 -2.14 20.90 -22.90
C GLY C 59 -1.86 21.58 -21.58
N PRO C 60 -2.82 21.51 -20.64
CA PRO C 60 -2.64 22.11 -19.31
C PRO C 60 -1.78 21.29 -18.34
N MET C 61 -1.33 20.11 -18.74
CA MET C 61 -0.35 19.35 -17.95
C MET C 61 1.06 19.98 -18.03
N PRO C 62 1.65 20.37 -16.89
CA PRO C 62 2.98 20.99 -16.94
C PRO C 62 4.10 20.03 -17.33
N ALA C 63 5.15 20.56 -17.95
CA ALA C 63 6.37 19.77 -18.21
C ALA C 63 7.06 19.45 -16.90
N ASN C 64 7.67 18.28 -16.83
CA ASN C 64 8.47 17.93 -15.65
C ASN C 64 9.64 18.89 -15.46
N GLU C 65 9.89 19.24 -14.21
CA GLU C 65 11.14 19.90 -13.84
C GLU C 65 12.02 19.07 -12.87
N ILE C 66 11.38 18.37 -11.95
CA ILE C 66 12.08 17.76 -10.82
C ILE C 66 12.71 16.40 -11.15
N LEU C 67 12.01 15.55 -11.88
CA LEU C 67 12.49 14.19 -12.15
C LEU C 67 13.70 14.20 -13.09
N THR C 68 14.60 13.24 -12.89
CA THR C 68 15.68 12.96 -13.82
C THR C 68 15.14 12.11 -14.98
N ASP C 69 15.91 11.95 -16.03
CA ASP C 69 15.49 11.13 -17.19
C ASP C 69 15.23 9.68 -16.80
N GLU C 70 16.13 9.12 -16.00
CA GLU C 70 15.98 7.76 -15.49
C GLU C 70 14.69 7.62 -14.69
N GLU C 71 14.36 8.63 -13.88
CA GLU C 71 13.11 8.62 -13.11
C GLU C 71 11.89 8.77 -14.02
N ILE C 72 12.06 9.44 -15.18
CA ILE C 72 10.94 9.55 -16.13
C ILE C 72 10.73 8.22 -16.84
N GLU C 73 11.83 7.55 -17.21
CA GLU C 73 11.77 6.23 -17.83
C GLU C 73 11.10 5.27 -16.87
N ALA C 74 11.46 5.36 -15.58
CA ALA C 74 10.93 4.46 -14.57
C ALA C 74 9.41 4.58 -14.42
N VAL C 75 8.91 5.80 -14.30
CA VAL C 75 7.48 6.03 -14.15
C VAL C 75 6.71 5.69 -15.43
N ALA C 76 7.35 5.86 -16.58
CA ALA C 76 6.72 5.55 -17.88
C ALA C 76 6.47 4.06 -18.00
N LEU C 77 7.49 3.29 -17.64
CA LEU C 77 7.42 1.83 -17.63
C LEU C 77 6.39 1.37 -16.62
N TYR C 78 6.37 2.02 -15.46
CA TYR C 78 5.45 1.66 -14.43
C TYR C 78 4.02 1.86 -14.90
N VAL C 79 3.68 3.07 -15.32
CA VAL C 79 2.32 3.37 -15.75
C VAL C 79 1.88 2.47 -16.90
N SER C 80 2.74 2.28 -17.90
CA SER C 80 2.34 1.46 -19.05
C SER C 80 2.17 -0.01 -18.69
N THR C 81 2.92 -0.47 -17.70
CA THR C 81 2.80 -1.84 -17.21
C THR C 81 1.48 -2.07 -16.46
N VAL C 82 1.13 -1.18 -15.53
CA VAL C 82 0.00 -1.48 -14.61
C VAL C 82 -1.34 -0.82 -14.97
N ALA C 83 -1.34 0.07 -15.96
CA ALA C 83 -2.56 0.79 -16.32
C ALA C 83 -3.55 -0.22 -16.85
N GLY C 84 -4.70 -0.33 -16.19
CA GLY C 84 -5.76 -1.26 -16.62
C GLY C 84 -5.83 -2.61 -15.90
N LYS C 85 -5.17 -2.70 -14.75
CA LYS C 85 -5.22 -3.89 -13.88
C LYS C 85 -5.44 -3.51 -12.41
N GLU D 2 12.32 18.70 4.07
CA GLU D 2 11.81 18.74 2.66
C GLU D 2 11.04 17.45 2.31
N GLU D 3 9.85 17.63 1.76
CA GLU D 3 8.93 16.55 1.39
C GLU D 3 9.44 15.74 0.17
N ASP D 4 9.89 16.43 -0.88
CA ASP D 4 10.39 15.77 -2.09
C ASP D 4 11.79 15.19 -1.91
N LYS D 5 12.47 15.58 -0.84
CA LYS D 5 13.76 14.98 -0.47
C LYS D 5 13.56 13.65 0.28
N LEU D 6 12.51 13.57 1.11
CA LEU D 6 12.10 12.31 1.69
C LEU D 6 11.82 11.28 0.61
N ALA D 7 11.06 11.70 -0.40
CA ALA D 7 10.68 10.86 -1.53
C ALA D 7 11.90 10.31 -2.25
N LEU D 8 12.90 11.17 -2.47
CA LEU D 8 14.14 10.76 -3.11
C LEU D 8 14.86 9.73 -2.26
N GLY D 9 14.85 9.93 -0.94
CA GLY D 9 15.48 9.02 -0.01
C GLY D 9 14.84 7.64 -0.04
N ARG D 10 13.52 7.62 -0.15
CA ARG D 10 12.77 6.38 -0.23
C ARG D 10 13.11 5.65 -1.53
N GLU D 11 13.25 6.38 -2.64
CA GLU D 11 13.68 5.77 -3.90
C GLU D 11 15.02 5.10 -3.78
N ILE D 12 15.95 5.79 -3.14
CA ILE D 12 17.31 5.29 -3.01
C ILE D 12 17.28 4.04 -2.17
N PHE D 13 16.54 4.08 -1.08
CA PHE D 13 16.44 2.94 -0.17
C PHE D 13 15.87 1.70 -0.86
N LEU D 14 14.84 1.90 -1.69
CA LEU D 14 14.15 0.78 -2.32
C LEU D 14 14.84 0.26 -3.60
N GLU D 15 15.56 1.12 -4.33
CA GLU D 15 15.98 0.75 -5.68
C GLU D 15 17.32 1.31 -6.17
N ARG D 16 17.58 2.60 -5.96
CA ARG D 16 18.72 3.26 -6.64
C ARG D 16 20.07 2.88 -6.01
N SER D 17 20.11 2.64 -4.71
CA SER D 17 21.34 2.20 -4.05
C SER D 17 21.81 0.86 -4.59
N GLU D 18 23.11 0.62 -4.50
CA GLU D 18 23.76 -0.57 -5.01
C GLU D 18 24.77 -1.11 -3.99
N PRO D 19 24.44 -2.25 -3.33
CA PRO D 19 23.16 -2.97 -3.37
C PRO D 19 22.07 -2.15 -2.69
N GLN D 20 20.81 -2.49 -2.95
CA GLN D 20 19.70 -1.75 -2.34
C GLN D 20 19.73 -1.93 -0.84
N CYS D 21 19.51 -0.85 -0.08
CA CYS D 21 19.51 -0.90 1.37
C CYS D 21 18.52 -1.97 1.82
N ALA D 22 17.38 -2.01 1.14
CA ALA D 22 16.29 -2.94 1.45
C ALA D 22 16.68 -4.41 1.39
N LEU D 23 17.69 -4.76 0.59
CA LEU D 23 18.15 -6.17 0.55
C LEU D 23 18.75 -6.61 1.87
N CYS D 24 19.50 -5.71 2.50
CA CYS D 24 20.25 -6.01 3.74
C CYS D 24 19.55 -5.59 5.03
N HIS D 25 18.61 -4.65 4.97
CA HIS D 25 18.01 -4.04 6.16
C HIS D 25 16.50 -4.16 6.23
N THR D 26 15.99 -4.23 7.46
CA THR D 26 14.56 -4.16 7.73
C THR D 26 14.20 -2.69 7.98
N LEU D 27 13.11 -2.24 7.36
CA LEU D 27 12.58 -0.90 7.55
C LEU D 27 11.11 -0.95 7.12
N ALA D 28 10.20 -0.91 8.10
CA ALA D 28 8.79 -1.14 7.85
C ALA D 28 8.18 -0.24 6.79
N ASP D 29 8.60 1.03 6.73
CA ASP D 29 8.04 1.99 5.78
C ASP D 29 8.24 1.54 4.33
N ALA D 30 9.39 0.92 4.05
CA ALA D 30 9.77 0.43 2.72
C ALA D 30 9.33 -1.02 2.47
N GLU D 31 8.60 -1.59 3.43
CA GLU D 31 8.31 -3.01 3.44
C GLU D 31 9.57 -3.87 3.23
N ALA D 32 10.72 -3.38 3.71
CA ALA D 32 11.99 -4.10 3.65
C ALA D 32 12.12 -5.02 4.87
N VAL D 33 12.60 -6.24 4.65
CA VAL D 33 12.85 -7.21 5.71
C VAL D 33 14.20 -7.92 5.50
N GLY D 34 15.19 -7.19 5.02
CA GLY D 34 16.55 -7.72 4.93
C GLY D 34 17.07 -8.09 6.31
N GLU D 35 17.85 -9.16 6.37
CA GLU D 35 18.35 -9.70 7.62
C GLU D 35 19.85 -9.51 7.80
N VAL D 36 20.54 -9.02 6.77
CA VAL D 36 22.00 -8.98 6.79
C VAL D 36 22.54 -8.01 7.84
N GLY D 37 21.98 -6.80 7.86
CA GLY D 37 22.37 -5.77 8.81
C GLY D 37 21.31 -5.53 9.87
N PRO D 38 21.55 -4.56 10.76
CA PRO D 38 20.61 -4.30 11.85
C PRO D 38 19.24 -3.84 11.37
N ASN D 39 18.22 -4.23 12.11
CA ASN D 39 16.87 -3.73 11.86
C ASN D 39 16.86 -2.23 12.16
N LEU D 40 16.56 -1.43 11.12
CA LEU D 40 16.54 0.02 11.25
C LEU D 40 15.34 0.55 12.05
N ASP D 41 14.23 -0.18 12.10
CA ASP D 41 13.16 0.16 13.03
C ASP D 41 13.55 -0.01 14.51
N GLU D 42 14.59 -0.80 14.80
CA GLU D 42 15.11 -0.96 16.16
C GLU D 42 16.20 0.06 16.46
N LEU D 43 17.11 0.26 15.51
CA LEU D 43 18.23 1.19 15.68
C LEU D 43 17.73 2.64 15.77
N LYS D 44 16.85 3.03 14.85
CA LYS D 44 16.32 4.38 14.76
C LYS D 44 17.43 5.40 14.86
N PRO D 45 18.35 5.35 13.90
CA PRO D 45 19.50 6.25 13.86
C PRO D 45 19.09 7.65 13.43
N ASP D 46 19.89 8.65 13.81
CA ASP D 46 19.73 10.00 13.26
C ASP D 46 20.40 10.12 11.88
N ALA D 47 20.05 11.18 11.17
CA ALA D 47 20.54 11.41 9.81
C ALA D 47 22.06 11.31 9.75
N GLU D 48 22.76 11.99 10.65
CA GLU D 48 24.22 12.00 10.63
C GLU D 48 24.82 10.60 10.72
N ARG D 49 24.18 9.72 11.50
CA ARG D 49 24.68 8.35 11.65
C ARG D 49 24.49 7.57 10.34
N VAL D 50 23.31 7.70 9.73
CA VAL D 50 23.10 7.06 8.44
C VAL D 50 24.07 7.61 7.39
N ASN D 51 24.20 8.94 7.31
CA ASN D 51 25.12 9.55 6.36
C ASN D 51 26.54 8.93 6.47
N THR D 52 27.08 8.93 7.69
CA THR D 52 28.41 8.36 7.95
C THR D 52 28.51 6.90 7.50
N ALA D 53 27.50 6.09 7.81
CA ALA D 53 27.52 4.68 7.46
C ALA D 53 27.54 4.48 5.94
N VAL D 54 26.60 5.11 5.25
CA VAL D 54 26.52 5.00 3.80
C VAL D 54 27.76 5.57 3.08
N THR D 55 28.34 6.66 3.57
CA THR D 55 29.50 7.27 2.94
C THR D 55 30.78 6.43 3.08
N ASN D 56 31.05 5.98 4.30
CA ASN D 56 32.32 5.33 4.65
C ASN D 56 32.26 3.81 4.73
N GLY D 57 31.05 3.27 4.73
CA GLY D 57 30.84 1.88 5.11
C GLY D 57 31.10 1.69 6.59
N ILE D 58 30.89 0.48 7.06
CA ILE D 58 31.07 0.15 8.48
C ILE D 58 31.00 -1.37 8.60
N GLY D 59 32.03 -1.98 9.18
CA GLY D 59 32.08 -3.42 9.26
C GLY D 59 31.90 -4.00 7.87
N PRO D 60 31.10 -5.07 7.76
CA PRO D 60 30.90 -5.72 6.47
C PRO D 60 30.04 -4.91 5.50
N MET D 61 29.30 -3.91 5.98
CA MET D 61 28.58 -2.97 5.09
C MET D 61 29.57 -2.22 4.21
N PRO D 62 29.40 -2.30 2.90
CA PRO D 62 30.36 -1.66 2.03
C PRO D 62 30.12 -0.15 1.91
N ALA D 63 31.17 0.60 1.60
CA ALA D 63 31.03 2.02 1.36
C ALA D 63 30.22 2.22 0.08
N ASN D 64 29.59 3.38 -0.04
CA ASN D 64 28.91 3.76 -1.27
C ASN D 64 29.90 4.13 -2.35
N GLU D 65 29.60 3.73 -3.57
CA GLU D 65 30.39 4.12 -4.73
C GLU D 65 29.65 5.11 -5.65
N ILE D 66 28.34 4.92 -5.82
CA ILE D 66 27.61 5.56 -6.92
C ILE D 66 26.80 6.80 -6.50
N LEU D 67 26.16 6.76 -5.34
CA LEU D 67 25.37 7.88 -4.86
C LEU D 67 26.17 9.19 -4.77
N THR D 68 25.54 10.30 -5.13
CA THR D 68 26.10 11.62 -4.91
C THR D 68 25.89 12.00 -3.46
N ASP D 69 26.58 13.05 -3.01
CA ASP D 69 26.44 13.51 -1.63
C ASP D 69 25.01 13.91 -1.28
N GLU D 70 24.33 14.59 -2.22
CA GLU D 70 22.96 15.01 -2.02
C GLU D 70 22.02 13.80 -1.88
N GLU D 71 22.28 12.75 -2.64
CA GLU D 71 21.49 11.52 -2.56
C GLU D 71 21.69 10.80 -1.22
N ILE D 72 22.93 10.79 -0.73
CA ILE D 72 23.23 10.20 0.58
C ILE D 72 22.51 10.96 1.67
N GLU D 73 22.48 12.30 1.55
CA GLU D 73 21.73 13.17 2.47
C GLU D 73 20.24 12.87 2.44
N ALA D 74 19.73 12.52 1.25
CA ALA D 74 18.32 12.20 1.06
C ALA D 74 17.91 10.92 1.78
N VAL D 75 18.68 9.85 1.59
CA VAL D 75 18.37 8.56 2.22
C VAL D 75 18.59 8.62 3.73
N ALA D 76 19.55 9.42 4.19
CA ALA D 76 19.75 9.68 5.62
C ALA D 76 18.53 10.35 6.24
N LEU D 77 18.07 11.42 5.61
CA LEU D 77 16.84 12.10 6.03
C LEU D 77 15.67 11.11 6.07
N TYR D 78 15.55 10.30 5.03
CA TYR D 78 14.46 9.32 4.92
C TYR D 78 14.45 8.30 6.04
N VAL D 79 15.57 7.63 6.23
CA VAL D 79 15.67 6.60 7.26
C VAL D 79 15.41 7.15 8.66
N SER D 80 16.10 8.23 9.01
CA SER D 80 15.92 8.86 10.34
C SER D 80 14.49 9.41 10.58
N THR D 81 13.81 9.84 9.51
CA THR D 81 12.41 10.26 9.66
C THR D 81 11.45 9.08 9.90
N VAL D 82 11.54 8.03 9.09
CA VAL D 82 10.50 6.99 9.05
C VAL D 82 10.76 5.74 9.92
N ALA D 83 11.97 5.59 10.44
CA ALA D 83 12.31 4.40 11.24
C ALA D 83 11.32 4.18 12.39
N GLY D 84 10.82 2.95 12.53
CA GLY D 84 9.88 2.59 13.59
C GLY D 84 8.39 2.67 13.23
N LYS D 85 8.11 3.19 12.04
CA LYS D 85 6.73 3.47 11.64
C LYS D 85 6.40 2.84 10.26
N ALA D 86 5.17 2.38 10.12
CA ALA D 86 4.65 1.88 8.85
C ALA D 86 4.38 3.05 7.89
N LYS D 87 4.24 2.72 6.60
CA LYS D 87 3.88 3.69 5.58
C LYS D 87 2.45 4.20 5.83
N ASN D 88 2.20 5.46 5.48
CA ASN D 88 0.84 6.06 5.52
C ASN D 88 0.32 6.43 4.14
#